data_5IKH
#
_entry.id   5IKH
#
_cell.length_a   126.190
_cell.length_b   126.190
_cell.length_c   122.120
_cell.angle_alpha   90.00
_cell.angle_beta   90.00
_cell.angle_gamma   90.00
#
_symmetry.space_group_name_H-M   'P 41 21 2'
#
loop_
_entity.id
_entity.type
_entity.pdbx_description
1 polymer '5-epi-aristolochene synthase'
2 non-polymer (2R,5S,10R)-6,10-dimethyl-2-(prop-1-en-2-yl)spiro[4.5]dec-6-ene
3 non-polymer 'MAGNESIUM ION'
4 water water
#
_entity_poly.entity_id   1
_entity_poly.type   'polypeptide(L)'
_entity_poly.pdbx_seq_one_letter_code
;GSMASAAVANYEEEIVRPVADFSPSLWGDQFLSFSIKNQVAEKYAKEIEALKEQTRNMLLATGMKLADTLNLIDTIERLG
ISYHFEKEIDDILDQIYNQNSNCNDLCTSALQFRLLRQHGFNISPEIFSKFQDENGKFKESLASDVLGLLNLYEASHVRT
HADDILEDALAFSTIHLESAAPHLKSPLREQVTHALEQCLHKGVPRVETRFFISSIYDKEQSKNNVLLRFAKLDFNLLQM
LHKQELAQVSRWWKDLDFVTTLPYARDRVVECYFWTLGVYFEPQYSQARVMLVKTISMISIVDDTFDAYGTVKELEAYTD
AIQRWDINEIDRLPDYMKISYKAILDLYKDYEKELSSAGRSHIVCHAIERMKEIVRNYNVESTWFIEGYTPPVSEYLSNA
LATTTYYLLATTSYLGMKSATEQDFEWLSKNPKILEASVIICRVIDDTATYEVEKSRGQIATGIECCMRDYGISTKEAMA
KFQNMAETAWKDINEGLLRPTPVSTEFLTPILNLARIIEVTYIHNLDGYTHPEKVLKPHIINLLVDSIKI
;
_entity_poly.pdbx_strand_id   A
#
# COMPACT_ATOMS: atom_id res chain seq x y z
N ILE A 15 36.06 -2.10 20.52
CA ILE A 15 35.44 -2.66 19.31
C ILE A 15 34.43 -1.68 18.72
N VAL A 16 34.93 -0.84 17.82
CA VAL A 16 34.22 0.36 17.33
C VAL A 16 32.88 0.07 16.65
N ARG A 17 32.10 1.13 16.43
CA ARG A 17 30.82 1.07 15.75
C ARG A 17 30.85 1.99 14.52
N PRO A 18 29.82 1.95 13.66
CA PRO A 18 29.69 2.91 12.55
C PRO A 18 29.56 4.39 12.98
N VAL A 19 28.99 5.21 12.11
CA VAL A 19 28.87 6.64 12.37
C VAL A 19 27.41 7.11 12.40
N ALA A 20 27.15 8.14 13.21
CA ALA A 20 25.80 8.71 13.33
C ALA A 20 25.35 9.35 12.02
N ASP A 21 25.05 8.52 11.04
CA ASP A 21 24.84 8.98 9.68
C ASP A 21 23.42 9.45 9.39
N PHE A 22 22.43 8.83 10.02
CA PHE A 22 21.02 9.19 9.80
C PHE A 22 20.73 10.63 10.21
N SER A 23 19.68 11.20 9.63
CA SER A 23 19.24 12.54 10.02
C SER A 23 18.06 12.46 10.98
N PRO A 24 17.89 13.49 11.82
CA PRO A 24 16.72 13.53 12.72
C PRO A 24 15.40 13.65 11.97
N SER A 25 14.29 13.52 12.70
CA SER A 25 12.98 13.76 12.11
C SER A 25 12.87 15.21 11.70
N LEU A 26 12.49 15.44 10.46
CA LEU A 26 12.37 16.80 9.95
C LEU A 26 11.08 17.44 10.46
N TRP A 27 10.24 16.62 11.09
CA TRP A 27 8.91 17.06 11.49
C TRP A 27 8.86 17.76 12.86
N GLY A 28 9.93 17.61 13.63
CA GLY A 28 9.97 18.14 14.97
C GLY A 28 8.84 17.62 15.83
N ASP A 29 8.16 18.52 16.54
CA ASP A 29 7.11 18.11 17.46
C ASP A 29 5.73 18.52 16.97
N GLN A 30 5.61 18.81 15.68
CA GLN A 30 4.39 19.41 15.13
C GLN A 30 3.20 18.47 15.19
N PHE A 31 3.44 17.18 15.38
CA PHE A 31 2.34 16.23 15.49
C PHE A 31 2.07 15.77 16.92
N LEU A 32 2.93 16.16 17.86
CA LEU A 32 2.94 15.60 19.21
C LEU A 32 1.63 15.81 19.96
N SER A 33 1.00 16.94 19.73
CA SER A 33 -0.26 17.24 20.39
C SER A 33 -1.26 17.73 19.38
N PHE A 34 -2.39 17.06 19.30
CA PHE A 34 -3.50 17.55 18.50
C PHE A 34 -4.78 17.47 19.32
N SER A 35 -5.41 18.62 19.52
CA SER A 35 -6.68 18.69 20.23
C SER A 35 -7.82 18.90 19.24
N ILE A 36 -8.72 17.92 19.13
N ILE A 36 -8.70 17.91 19.13
CA ILE A 36 -9.83 18.00 18.21
CA ILE A 36 -9.86 18.04 18.25
C ILE A 36 -10.88 19.04 18.65
C ILE A 36 -10.76 19.17 18.71
N LYS A 37 -11.18 19.98 17.75
CA LYS A 37 -12.21 20.97 18.00
C LYS A 37 -13.54 20.24 17.90
N ASN A 38 -13.99 19.71 19.04
CA ASN A 38 -15.13 18.80 19.07
C ASN A 38 -16.39 19.38 18.45
N GLN A 39 -16.55 20.70 18.55
N GLN A 39 -16.55 20.70 18.56
CA GLN A 39 -17.70 21.39 17.98
CA GLN A 39 -17.69 21.38 17.98
C GLN A 39 -17.64 21.33 16.45
C GLN A 39 -17.64 21.33 16.45
N VAL A 40 -16.44 21.50 15.89
CA VAL A 40 -16.25 21.44 14.45
C VAL A 40 -16.44 20.02 13.93
N ALA A 41 -15.94 19.05 14.68
CA ALA A 41 -16.06 17.64 14.31
C ALA A 41 -17.52 17.21 14.29
N GLU A 42 -18.28 17.71 15.26
CA GLU A 42 -19.70 17.34 15.35
C GLU A 42 -20.49 18.02 14.24
N LYS A 43 -20.13 19.26 13.92
CA LYS A 43 -20.71 19.97 12.78
C LYS A 43 -20.51 19.16 11.49
N TYR A 44 -19.25 18.84 11.20
CA TYR A 44 -18.91 18.04 10.03
C TYR A 44 -19.67 16.72 10.01
N ALA A 45 -19.67 16.04 11.15
CA ALA A 45 -20.30 14.74 11.25
C ALA A 45 -21.79 14.83 10.95
N LYS A 46 -22.42 15.89 11.45
CA LYS A 46 -23.86 16.06 11.26
C LYS A 46 -24.19 16.34 9.79
N GLU A 47 -23.43 17.21 9.14
CA GLU A 47 -23.70 17.49 7.73
C GLU A 47 -23.40 16.30 6.85
N ILE A 48 -22.30 15.59 7.16
CA ILE A 48 -21.89 14.41 6.40
C ILE A 48 -23.00 13.38 6.41
N GLU A 49 -23.68 13.27 7.54
CA GLU A 49 -24.75 12.30 7.67
C GLU A 49 -25.87 12.61 6.66
N ALA A 50 -26.19 13.90 6.52
CA ALA A 50 -27.20 14.31 5.55
C ALA A 50 -26.70 14.06 4.14
N LEU A 51 -25.45 14.40 3.88
CA LEU A 51 -24.90 14.27 2.54
C LEU A 51 -24.75 12.80 2.17
N LYS A 52 -24.51 11.96 3.18
CA LYS A 52 -24.38 10.53 2.97
C LYS A 52 -25.67 9.95 2.44
N GLU A 53 -26.79 10.40 3.00
CA GLU A 53 -28.10 9.91 2.60
C GLU A 53 -28.50 10.42 1.21
N GLN A 54 -28.19 11.68 0.92
CA GLN A 54 -28.44 12.20 -0.43
C GLN A 54 -27.67 11.37 -1.44
N THR A 55 -26.43 11.03 -1.10
CA THR A 55 -25.57 10.27 -1.99
C THR A 55 -26.10 8.83 -2.16
N ARG A 56 -26.56 8.25 -1.06
CA ARG A 56 -27.14 6.91 -1.10
C ARG A 56 -28.32 6.88 -2.06
N ASN A 57 -29.11 7.95 -2.02
CA ASN A 57 -30.28 8.07 -2.89
C ASN A 57 -29.89 8.24 -4.36
N MET A 58 -28.77 8.91 -4.60
CA MET A 58 -28.23 8.96 -5.96
C MET A 58 -27.92 7.54 -6.45
N LEU A 59 -27.21 6.77 -5.63
CA LEU A 59 -26.83 5.40 -6.00
C LEU A 59 -28.04 4.50 -6.22
N LEU A 60 -29.08 4.69 -5.41
CA LEU A 60 -30.25 3.82 -5.49
C LEU A 60 -31.30 4.32 -6.48
N ALA A 61 -30.99 5.39 -7.21
CA ALA A 61 -31.92 5.92 -8.20
C ALA A 61 -32.15 4.92 -9.33
N THR A 62 -33.41 4.70 -9.67
CA THR A 62 -33.76 3.82 -10.78
C THR A 62 -33.73 4.57 -12.11
N GLY A 63 -33.69 3.82 -13.20
CA GLY A 63 -33.75 4.41 -14.53
C GLY A 63 -32.44 5.01 -15.03
N MET A 64 -31.38 4.90 -14.23
CA MET A 64 -30.07 5.35 -14.67
C MET A 64 -29.52 4.44 -15.76
N LYS A 65 -28.87 5.02 -16.77
N LYS A 65 -28.88 5.04 -16.77
CA LYS A 65 -28.23 4.20 -17.78
CA LYS A 65 -28.19 4.27 -17.79
C LYS A 65 -26.86 3.75 -17.27
C LYS A 65 -26.87 3.72 -17.24
N LEU A 66 -26.36 2.66 -17.86
CA LEU A 66 -25.10 2.04 -17.47
C LEU A 66 -23.96 3.03 -17.31
N ALA A 67 -23.70 3.78 -18.37
CA ALA A 67 -22.63 4.77 -18.38
C ALA A 67 -22.72 5.74 -17.20
N ASP A 68 -23.91 6.28 -16.94
CA ASP A 68 -24.10 7.19 -15.81
C ASP A 68 -23.88 6.48 -14.48
N THR A 69 -24.34 5.24 -14.38
CA THR A 69 -24.21 4.48 -13.14
C THR A 69 -22.73 4.20 -12.84
N LEU A 70 -21.98 3.83 -13.87
CA LEU A 70 -20.56 3.54 -13.68
C LEU A 70 -19.77 4.80 -13.36
N ASN A 71 -20.16 5.92 -13.97
N ASN A 71 -20.14 5.92 -13.99
CA ASN A 71 -19.48 7.19 -13.70
CA ASN A 71 -19.51 7.21 -13.73
C ASN A 71 -19.74 7.69 -12.28
C ASN A 71 -19.73 7.64 -12.28
N LEU A 72 -20.94 7.41 -11.77
CA LEU A 72 -21.29 7.77 -10.40
C LEU A 72 -20.44 6.96 -9.39
N ILE A 73 -20.40 5.65 -9.58
CA ILE A 73 -19.60 4.79 -8.73
C ILE A 73 -18.13 5.20 -8.79
N ASP A 74 -17.63 5.39 -10.01
CA ASP A 74 -16.23 5.78 -10.21
C ASP A 74 -15.90 7.10 -9.50
N THR A 75 -16.81 8.06 -9.59
CA THR A 75 -16.60 9.36 -8.97
C THR A 75 -16.59 9.27 -7.45
N ILE A 76 -17.56 8.56 -6.89
CA ILE A 76 -17.61 8.35 -5.45
C ILE A 76 -16.36 7.60 -4.94
N GLU A 77 -15.89 6.59 -5.68
CA GLU A 77 -14.66 5.89 -5.28
C GLU A 77 -13.46 6.83 -5.32
N ARG A 78 -13.31 7.58 -6.41
CA ARG A 78 -12.19 8.51 -6.52
C ARG A 78 -12.26 9.63 -5.47
N LEU A 79 -13.47 10.00 -5.06
CA LEU A 79 -13.68 11.05 -4.06
C LEU A 79 -13.33 10.54 -2.66
N GLY A 80 -13.11 9.23 -2.54
CA GLY A 80 -12.68 8.61 -1.30
C GLY A 80 -13.79 8.32 -0.33
N ILE A 81 -15.03 8.30 -0.80
CA ILE A 81 -16.17 8.13 0.10
C ILE A 81 -16.96 6.85 -0.16
N SER A 82 -16.43 5.98 -1.02
CA SER A 82 -17.12 4.73 -1.31
C SER A 82 -17.21 3.80 -0.10
N TYR A 83 -16.34 3.96 0.90
CA TYR A 83 -16.37 3.05 2.06
C TYR A 83 -17.69 3.22 2.83
N HIS A 84 -18.39 4.32 2.56
CA HIS A 84 -19.73 4.53 3.11
C HIS A 84 -20.79 3.69 2.43
N PHE A 85 -20.50 3.20 1.23
CA PHE A 85 -21.52 2.59 0.39
C PHE A 85 -21.10 1.24 -0.17
N GLU A 86 -20.44 0.44 0.66
CA GLU A 86 -19.89 -0.84 0.22
C GLU A 86 -20.98 -1.80 -0.26
N LYS A 87 -22.06 -1.91 0.50
CA LYS A 87 -23.15 -2.79 0.13
C LYS A 87 -23.87 -2.29 -1.13
N GLU A 88 -24.17 -1.00 -1.19
CA GLU A 88 -24.89 -0.46 -2.34
C GLU A 88 -24.08 -0.62 -3.61
N ILE A 89 -22.81 -0.26 -3.55
CA ILE A 89 -21.93 -0.35 -4.71
C ILE A 89 -21.81 -1.82 -5.16
N ASP A 90 -21.65 -2.73 -4.20
CA ASP A 90 -21.50 -4.14 -4.52
C ASP A 90 -22.76 -4.66 -5.20
N ASP A 91 -23.92 -4.31 -4.65
CA ASP A 91 -25.20 -4.70 -5.22
C ASP A 91 -25.36 -4.23 -6.66
N ILE A 92 -24.92 -3.01 -6.94
CA ILE A 92 -25.05 -2.46 -8.29
C ILE A 92 -24.08 -3.12 -9.28
N LEU A 93 -22.82 -3.26 -8.90
CA LEU A 93 -21.83 -3.91 -9.75
C LEU A 93 -22.22 -5.37 -9.98
N ASP A 94 -22.80 -5.99 -8.98
CA ASP A 94 -23.24 -7.38 -9.08
C ASP A 94 -24.34 -7.52 -10.12
N GLN A 95 -25.23 -6.54 -10.18
N GLN A 95 -25.21 -6.52 -10.20
CA GLN A 95 -26.29 -6.55 -11.18
CA GLN A 95 -26.30 -6.55 -11.16
C GLN A 95 -25.68 -6.36 -12.56
C GLN A 95 -25.76 -6.28 -12.57
N ILE A 96 -24.79 -5.37 -12.68
CA ILE A 96 -24.14 -5.09 -13.95
C ILE A 96 -23.37 -6.33 -14.46
N TYR A 97 -22.64 -6.98 -13.56
CA TYR A 97 -21.95 -8.23 -13.88
C TYR A 97 -22.89 -9.26 -14.47
N ASN A 98 -23.99 -9.52 -13.76
CA ASN A 98 -24.92 -10.57 -14.13
C ASN A 98 -25.75 -10.27 -15.37
N GLN A 99 -25.91 -8.99 -15.72
CA GLN A 99 -26.68 -8.68 -16.91
C GLN A 99 -25.75 -8.58 -18.13
N ASN A 100 -26.34 -8.83 -19.29
CA ASN A 100 -25.62 -8.81 -20.56
C ASN A 100 -25.32 -7.39 -21.02
N SER A 101 -24.22 -6.84 -20.56
CA SER A 101 -23.89 -5.46 -20.90
C SER A 101 -23.27 -5.36 -22.29
N ASN A 102 -23.98 -4.68 -23.17
CA ASN A 102 -23.58 -4.56 -24.57
C ASN A 102 -23.31 -3.11 -24.96
N CYS A 103 -22.38 -2.47 -24.26
N CYS A 103 -22.38 -2.49 -24.26
CA CYS A 103 -21.98 -1.13 -24.62
CA CYS A 103 -21.94 -1.13 -24.60
C CYS A 103 -20.85 -1.19 -25.64
C CYS A 103 -20.84 -1.19 -25.64
N ASN A 104 -21.02 -0.44 -26.72
CA ASN A 104 -20.10 -0.48 -27.86
C ASN A 104 -19.08 0.65 -27.84
N ASP A 105 -19.00 1.37 -26.73
CA ASP A 105 -18.05 2.49 -26.59
CA ASP A 105 -18.02 2.44 -26.68
C ASP A 105 -16.87 2.09 -25.71
N LEU A 106 -15.69 2.54 -26.09
CA LEU A 106 -14.47 2.16 -25.41
C LEU A 106 -14.44 2.67 -23.97
N CYS A 107 -14.90 3.90 -23.77
N CYS A 107 -14.91 3.89 -23.73
CA CYS A 107 -14.89 4.51 -22.46
CA CYS A 107 -14.84 4.49 -22.40
C CYS A 107 -15.69 3.69 -21.45
C CYS A 107 -15.71 3.72 -21.39
N THR A 108 -16.94 3.40 -21.78
CA THR A 108 -17.83 2.69 -20.88
C THR A 108 -17.42 1.23 -20.66
N SER A 109 -17.00 0.55 -21.73
CA SER A 109 -16.53 -0.83 -21.64
C SER A 109 -15.32 -0.98 -20.71
N ALA A 110 -14.34 -0.11 -20.91
CA ALA A 110 -13.11 -0.13 -20.13
C ALA A 110 -13.35 0.22 -18.66
N LEU A 111 -14.25 1.16 -18.41
CA LEU A 111 -14.61 1.52 -17.04
C LEU A 111 -15.36 0.38 -16.38
N GLN A 112 -16.30 -0.20 -17.11
CA GLN A 112 -17.05 -1.36 -16.63
C GLN A 112 -16.10 -2.52 -16.28
N PHE A 113 -15.12 -2.73 -17.15
CA PHE A 113 -14.14 -3.79 -16.91
C PHE A 113 -13.36 -3.51 -15.63
N ARG A 114 -12.86 -2.28 -15.50
CA ARG A 114 -12.01 -1.95 -14.37
C ARG A 114 -12.77 -2.09 -13.06
N LEU A 115 -13.92 -1.43 -12.98
CA LEU A 115 -14.68 -1.43 -11.73
C LEU A 115 -15.08 -2.85 -11.32
N LEU A 116 -15.52 -3.67 -12.27
CA LEU A 116 -15.90 -5.04 -11.96
C LEU A 116 -14.70 -5.85 -11.47
N ARG A 117 -13.58 -5.75 -12.18
CA ARG A 117 -12.40 -6.53 -11.79
C ARG A 117 -11.88 -6.11 -10.43
N GLN A 118 -11.85 -4.80 -10.17
CA GLN A 118 -11.31 -4.30 -8.90
C GLN A 118 -12.14 -4.81 -7.73
N HIS A 119 -13.43 -5.06 -8.00
CA HIS A 119 -14.34 -5.58 -6.97
C HIS A 119 -14.48 -7.11 -6.98
N GLY A 120 -13.60 -7.78 -7.73
CA GLY A 120 -13.54 -9.23 -7.70
C GLY A 120 -14.44 -9.96 -8.69
N PHE A 121 -15.22 -9.23 -9.49
CA PHE A 121 -16.08 -9.86 -10.49
C PHE A 121 -15.27 -10.21 -11.75
N ASN A 122 -15.30 -11.48 -12.13
CA ASN A 122 -14.48 -11.94 -13.24
C ASN A 122 -15.12 -11.71 -14.61
N ILE A 123 -15.36 -10.45 -14.95
CA ILE A 123 -15.87 -10.11 -16.26
C ILE A 123 -14.84 -10.48 -17.32
N SER A 124 -15.31 -11.12 -18.39
CA SER A 124 -14.42 -11.55 -19.45
C SER A 124 -13.78 -10.36 -20.15
N PRO A 125 -12.51 -10.50 -20.53
CA PRO A 125 -11.83 -9.44 -21.29
C PRO A 125 -12.28 -9.43 -22.77
N GLU A 126 -13.16 -10.36 -23.13
CA GLU A 126 -13.70 -10.40 -24.48
C GLU A 126 -14.47 -9.12 -24.84
N ILE A 127 -14.80 -8.32 -23.83
CA ILE A 127 -15.51 -7.07 -24.07
C ILE A 127 -14.66 -6.13 -24.92
N PHE A 128 -13.34 -6.33 -24.92
CA PHE A 128 -12.45 -5.46 -25.70
C PHE A 128 -12.25 -5.88 -27.16
N SER A 129 -12.75 -7.05 -27.54
CA SER A 129 -12.52 -7.59 -28.88
C SER A 129 -13.08 -6.69 -30.01
N LYS A 130 -14.30 -6.19 -29.84
N LYS A 130 -14.29 -6.17 -29.84
CA LYS A 130 -14.89 -5.29 -30.82
CA LYS A 130 -14.88 -5.28 -30.83
C LYS A 130 -14.02 -4.06 -31.08
C LYS A 130 -14.04 -4.02 -31.06
N PHE A 131 -13.14 -3.73 -30.13
CA PHE A 131 -12.28 -2.56 -30.25
C PHE A 131 -10.94 -2.89 -30.90
N GLN A 132 -10.80 -4.12 -31.39
CA GLN A 132 -9.55 -4.56 -32.00
C GLN A 132 -9.75 -5.09 -33.41
N ASP A 133 -8.69 -5.02 -34.22
CA ASP A 133 -8.74 -5.58 -35.56
C ASP A 133 -8.67 -7.11 -35.51
N GLU A 134 -8.53 -7.72 -36.69
CA GLU A 134 -8.45 -9.17 -36.82
C GLU A 134 -7.15 -9.74 -36.26
N ASN A 135 -6.18 -8.86 -36.06
CA ASN A 135 -4.88 -9.23 -35.57
C ASN A 135 -4.76 -9.05 -34.04
N GLY A 136 -5.89 -8.73 -33.40
CA GLY A 136 -5.93 -8.61 -31.95
C GLY A 136 -5.23 -7.36 -31.42
N LYS A 137 -5.06 -6.38 -32.29
CA LYS A 137 -4.47 -5.11 -31.90
C LYS A 137 -5.53 -4.00 -31.92
N PHE A 138 -5.48 -3.11 -30.92
CA PHE A 138 -6.46 -2.04 -30.80
C PHE A 138 -6.50 -1.16 -32.06
N LYS A 139 -7.72 -0.89 -32.51
CA LYS A 139 -7.93 -0.01 -33.68
C LYS A 139 -7.29 1.35 -33.43
N GLU A 140 -6.38 1.75 -34.32
CA GLU A 140 -5.70 3.02 -34.16
C GLU A 140 -6.69 4.17 -34.28
N SER A 141 -7.81 3.92 -34.96
CA SER A 141 -8.86 4.91 -35.12
C SER A 141 -9.47 5.35 -33.78
N LEU A 142 -9.19 4.60 -32.71
CA LEU A 142 -9.60 5.01 -31.35
C LEU A 142 -8.75 6.14 -30.80
N ALA A 143 -7.69 6.51 -31.50
CA ALA A 143 -6.71 7.44 -30.92
C ALA A 143 -7.27 8.84 -30.69
N SER A 144 -8.41 9.17 -31.29
CA SER A 144 -8.98 10.51 -31.08
C SER A 144 -10.05 10.51 -29.99
N ASP A 145 -10.12 9.42 -29.23
CA ASP A 145 -11.11 9.31 -28.16
C ASP A 145 -10.40 9.34 -26.81
N VAL A 146 -10.15 10.54 -26.29
CA VAL A 146 -9.34 10.66 -25.09
C VAL A 146 -9.97 9.98 -23.87
N LEU A 147 -11.29 10.07 -23.72
CA LEU A 147 -11.91 9.46 -22.53
C LEU A 147 -11.83 7.94 -22.63
N GLY A 148 -11.95 7.41 -23.84
CA GLY A 148 -11.79 5.98 -24.04
C GLY A 148 -10.37 5.55 -23.73
N LEU A 149 -9.40 6.31 -24.23
CA LEU A 149 -7.99 6.03 -23.97
C LEU A 149 -7.65 6.05 -22.49
N LEU A 150 -8.18 7.05 -21.79
CA LEU A 150 -7.89 7.19 -20.38
C LEU A 150 -8.43 5.99 -19.61
N ASN A 151 -9.66 5.59 -19.90
CA ASN A 151 -10.26 4.50 -19.15
C ASN A 151 -9.64 3.16 -19.53
N LEU A 152 -9.21 3.03 -20.78
CA LEU A 152 -8.48 1.84 -21.19
C LEU A 152 -7.15 1.77 -20.47
N TYR A 153 -6.50 2.93 -20.37
CA TYR A 153 -5.23 3.06 -19.67
C TYR A 153 -5.37 2.53 -18.25
N GLU A 154 -6.37 3.05 -17.53
CA GLU A 154 -6.55 2.67 -16.13
C GLU A 154 -6.89 1.19 -16.01
N ALA A 155 -7.70 0.70 -16.95
CA ALA A 155 -8.11 -0.70 -16.95
C ALA A 155 -6.95 -1.65 -17.19
N SER A 156 -5.98 -1.21 -18.00
CA SER A 156 -4.86 -2.07 -18.40
C SER A 156 -4.02 -2.50 -17.18
N HIS A 157 -4.08 -1.72 -16.11
CA HIS A 157 -3.28 -2.05 -14.92
C HIS A 157 -3.96 -3.10 -14.06
N VAL A 158 -5.19 -3.48 -14.38
CA VAL A 158 -5.86 -4.47 -13.56
C VAL A 158 -5.89 -5.87 -14.23
N ARG A 159 -5.04 -6.09 -15.23
N ARG A 159 -5.02 -6.06 -15.22
CA ARG A 159 -5.16 -7.35 -15.94
CA ARG A 159 -5.01 -7.32 -15.97
C ARG A 159 -4.47 -8.50 -15.21
C ARG A 159 -4.46 -8.47 -15.12
N THR A 160 -4.99 -9.70 -15.44
N THR A 160 -4.88 -9.66 -15.48
CA THR A 160 -4.43 -10.95 -14.93
CA THR A 160 -4.32 -10.89 -14.93
C THR A 160 -3.72 -11.69 -16.05
C THR A 160 -3.69 -11.68 -16.07
N HIS A 161 -3.14 -12.85 -15.74
CA HIS A 161 -2.49 -13.69 -16.75
C HIS A 161 -3.43 -14.20 -17.83
N ALA A 162 -4.72 -14.23 -17.56
CA ALA A 162 -5.69 -14.70 -18.56
C ALA A 162 -6.14 -13.59 -19.49
N ASP A 163 -5.60 -12.38 -19.32
CA ASP A 163 -6.03 -11.22 -20.10
C ASP A 163 -5.06 -10.77 -21.18
N ASP A 164 -4.50 -11.69 -21.96
CA ASP A 164 -3.55 -11.28 -23.00
C ASP A 164 -4.17 -10.48 -24.14
N ILE A 165 -5.49 -10.48 -24.25
CA ILE A 165 -6.12 -9.56 -25.20
C ILE A 165 -5.76 -8.11 -24.87
N LEU A 166 -5.39 -7.87 -23.61
CA LEU A 166 -5.01 -6.53 -23.16
C LEU A 166 -3.51 -6.26 -23.16
N GLU A 167 -2.71 -7.14 -23.78
N GLU A 167 -2.74 -7.19 -23.74
CA GLU A 167 -1.27 -6.92 -23.84
CA GLU A 167 -1.28 -7.21 -23.57
C GLU A 167 -0.89 -5.61 -24.54
C GLU A 167 -0.61 -5.94 -24.09
N ASP A 168 -1.70 -5.23 -25.52
N ASP A 168 -1.29 -5.21 -24.97
CA ASP A 168 -1.45 -4.06 -26.34
CA ASP A 168 -0.72 -4.00 -25.56
C ASP A 168 -1.92 -2.77 -25.63
C ASP A 168 -1.55 -2.74 -25.22
N ALA A 169 -2.70 -2.92 -24.57
CA ALA A 169 -3.52 -1.78 -24.09
C ALA A 169 -2.75 -0.67 -23.38
N LEU A 170 -1.76 -1.04 -22.56
CA LEU A 170 -1.00 -0.05 -21.82
C LEU A 170 -0.19 0.82 -22.76
N ALA A 171 0.56 0.19 -23.66
CA ALA A 171 1.39 0.90 -24.64
C ALA A 171 0.53 1.76 -25.57
N PHE A 172 -0.54 1.17 -26.09
CA PHE A 172 -1.43 1.85 -27.03
C PHE A 172 -2.01 3.15 -26.42
N SER A 173 -2.65 3.01 -25.26
CA SER A 173 -3.28 4.15 -24.61
C SER A 173 -2.23 5.16 -24.14
N THR A 174 -1.09 4.67 -23.65
CA THR A 174 -0.04 5.58 -23.17
C THR A 174 0.45 6.50 -24.28
N ILE A 175 0.74 5.95 -25.45
CA ILE A 175 1.36 6.74 -26.52
C ILE A 175 0.41 7.83 -27.05
N HIS A 176 -0.88 7.50 -27.12
CA HIS A 176 -1.86 8.45 -27.63
C HIS A 176 -2.29 9.46 -26.57
N LEU A 177 -2.32 9.04 -25.29
CA LEU A 177 -2.60 10.01 -24.23
C LEU A 177 -1.48 11.04 -24.13
N GLU A 178 -0.24 10.57 -24.26
CA GLU A 178 0.91 11.47 -24.29
C GLU A 178 0.77 12.51 -25.40
N SER A 179 0.36 12.04 -26.57
CA SER A 179 0.21 12.90 -27.72
C SER A 179 -0.92 13.91 -27.56
N ALA A 180 -2.01 13.49 -26.90
CA ALA A 180 -3.19 14.36 -26.79
C ALA A 180 -3.09 15.36 -25.64
N ALA A 181 -2.40 14.96 -24.57
CA ALA A 181 -2.42 15.66 -23.29
C ALA A 181 -2.23 17.19 -23.35
N PRO A 182 -1.23 17.68 -24.10
CA PRO A 182 -1.02 19.13 -23.97
C PRO A 182 -2.14 20.02 -24.52
N HIS A 183 -3.06 19.46 -25.29
CA HIS A 183 -4.07 20.32 -25.90
C HIS A 183 -5.43 20.13 -25.25
N LEU A 184 -5.47 19.34 -24.19
CA LEU A 184 -6.72 19.05 -23.50
C LEU A 184 -7.10 20.20 -22.58
N LYS A 185 -8.40 20.32 -22.31
CA LYS A 185 -8.85 21.34 -21.36
C LYS A 185 -8.58 20.87 -19.95
N SER A 186 -8.60 21.82 -19.01
CA SER A 186 -8.45 21.53 -17.58
C SER A 186 -9.82 21.30 -16.95
N PRO A 187 -9.91 20.39 -15.98
CA PRO A 187 -8.80 19.62 -15.41
C PRO A 187 -8.53 18.28 -16.09
N LEU A 188 -9.17 17.99 -17.22
CA LEU A 188 -8.93 16.71 -17.91
C LEU A 188 -7.44 16.55 -18.20
N ARG A 189 -6.80 17.63 -18.67
CA ARG A 189 -5.36 17.57 -18.94
C ARG A 189 -4.55 17.11 -17.73
N GLU A 190 -4.83 17.70 -16.57
CA GLU A 190 -4.09 17.41 -15.36
C GLU A 190 -4.38 15.97 -14.93
N GLN A 191 -5.61 15.53 -15.13
CA GLN A 191 -5.97 14.16 -14.78
C GLN A 191 -5.22 13.13 -15.65
N VAL A 192 -5.13 13.41 -16.95
CA VAL A 192 -4.44 12.54 -17.89
C VAL A 192 -2.95 12.51 -17.58
N THR A 193 -2.36 13.69 -17.41
CA THR A 193 -0.95 13.81 -17.06
C THR A 193 -0.65 13.09 -15.74
N HIS A 194 -1.54 13.25 -14.75
CA HIS A 194 -1.38 12.54 -13.49
C HIS A 194 -1.48 11.03 -13.70
N ALA A 195 -2.46 10.60 -14.51
CA ALA A 195 -2.65 9.16 -14.78
C ALA A 195 -1.38 8.54 -15.34
N LEU A 196 -0.75 9.23 -16.27
CA LEU A 196 0.45 8.71 -16.93
C LEU A 196 1.62 8.57 -15.96
N GLU A 197 1.61 9.37 -14.90
CA GLU A 197 2.62 9.29 -13.84
C GLU A 197 2.24 8.28 -12.76
N GLN A 198 0.95 8.17 -12.50
CA GLN A 198 0.45 7.32 -11.42
C GLN A 198 -0.93 6.76 -11.79
N CYS A 199 -1.00 5.48 -12.10
CA CYS A 199 -2.29 4.90 -12.43
C CYS A 199 -3.11 4.78 -11.15
N LEU A 200 -4.43 4.74 -11.29
CA LEU A 200 -5.31 4.70 -10.13
C LEU A 200 -5.17 3.39 -9.34
N HIS A 201 -5.13 2.26 -10.06
CA HIS A 201 -5.17 0.97 -9.38
C HIS A 201 -3.97 0.73 -8.47
N LYS A 202 -2.81 1.28 -8.83
CA LYS A 202 -1.60 1.01 -8.03
C LYS A 202 -1.19 2.17 -7.13
N GLY A 203 -2.08 3.15 -6.98
CA GLY A 203 -1.79 4.29 -6.11
C GLY A 203 -2.29 4.06 -4.69
N VAL A 204 -1.76 4.81 -3.74
CA VAL A 204 -2.27 4.79 -2.37
C VAL A 204 -3.62 5.54 -2.36
N PRO A 205 -4.69 4.88 -1.88
CA PRO A 205 -6.04 5.43 -1.99
C PRO A 205 -6.20 6.84 -1.39
N ARG A 206 -5.70 7.09 -0.19
CA ARG A 206 -5.81 8.44 0.38
C ARG A 206 -5.09 9.46 -0.49
N VAL A 207 -3.95 9.11 -1.09
CA VAL A 207 -3.28 10.19 -1.81
C VAL A 207 -3.90 10.42 -3.20
N GLU A 208 -4.39 9.37 -3.85
CA GLU A 208 -5.13 9.59 -5.11
C GLU A 208 -6.42 10.35 -4.83
N THR A 209 -7.10 10.00 -3.73
CA THR A 209 -8.28 10.72 -3.29
C THR A 209 -8.02 12.22 -3.07
N ARG A 210 -6.92 12.54 -2.40
CA ARG A 210 -6.55 13.92 -2.13
C ARG A 210 -6.32 14.68 -3.43
N PHE A 211 -5.59 14.05 -4.36
CA PHE A 211 -5.33 14.66 -5.66
C PHE A 211 -6.63 14.84 -6.43
N PHE A 212 -7.47 13.82 -6.45
CA PHE A 212 -8.71 13.90 -7.23
C PHE A 212 -9.62 15.02 -6.71
N ILE A 213 -9.86 15.05 -5.40
CA ILE A 213 -10.71 16.10 -4.82
C ILE A 213 -10.22 17.49 -5.12
N SER A 214 -8.98 17.80 -4.76
N SER A 214 -8.97 17.78 -4.78
CA SER A 214 -8.53 19.19 -4.86
CA SER A 214 -8.47 19.17 -4.79
C SER A 214 -8.13 19.58 -6.27
C SER A 214 -7.84 19.63 -6.12
N SER A 215 -7.43 18.69 -6.96
CA SER A 215 -6.84 19.06 -8.25
C SER A 215 -7.79 18.82 -9.42
N ILE A 216 -8.70 17.88 -9.29
CA ILE A 216 -9.55 17.53 -10.43
C ILE A 216 -11.00 17.91 -10.18
N TYR A 217 -11.67 17.20 -9.29
CA TYR A 217 -13.12 17.36 -9.16
C TYR A 217 -13.51 18.79 -8.71
N ASP A 218 -12.69 19.38 -7.86
CA ASP A 218 -12.98 20.74 -7.40
C ASP A 218 -12.95 21.71 -8.58
N LYS A 219 -12.25 21.33 -9.64
CA LYS A 219 -12.07 22.24 -10.78
C LYS A 219 -12.90 21.83 -11.99
N GLU A 220 -13.72 20.81 -11.82
N GLU A 220 -13.76 20.83 -11.81
CA GLU A 220 -14.57 20.33 -12.91
CA GLU A 220 -14.54 20.32 -12.93
C GLU A 220 -15.81 21.22 -13.03
C GLU A 220 -15.85 21.10 -13.06
N GLN A 221 -16.07 21.70 -14.23
CA GLN A 221 -17.26 22.54 -14.47
C GLN A 221 -18.56 21.81 -14.14
N SER A 222 -18.58 20.52 -14.43
CA SER A 222 -19.78 19.69 -14.31
C SER A 222 -19.90 18.93 -12.99
N LYS A 223 -19.05 19.28 -12.02
N LYS A 223 -19.05 19.25 -12.01
CA LYS A 223 -19.00 18.60 -10.74
CA LYS A 223 -18.99 18.45 -10.79
C LYS A 223 -20.36 18.54 -10.04
C LYS A 223 -20.30 18.53 -10.02
N ASN A 224 -20.62 17.46 -9.31
CA ASN A 224 -21.80 17.44 -8.47
C ASN A 224 -21.44 18.10 -7.13
N ASN A 225 -22.17 19.15 -6.76
CA ASN A 225 -21.82 19.93 -5.59
C ASN A 225 -22.02 19.14 -4.31
N VAL A 226 -23.03 18.29 -4.31
CA VAL A 226 -23.32 17.49 -3.13
C VAL A 226 -22.13 16.52 -2.90
N LEU A 227 -21.67 15.87 -3.96
CA LEU A 227 -20.56 14.92 -3.84
C LEU A 227 -19.25 15.61 -3.44
N LEU A 228 -19.00 16.79 -4.02
CA LEU A 228 -17.76 17.50 -3.75
C LEU A 228 -17.70 17.93 -2.27
N ARG A 229 -18.79 18.53 -1.79
CA ARG A 229 -18.84 18.98 -0.41
C ARG A 229 -18.69 17.78 0.53
N PHE A 230 -19.42 16.71 0.21
CA PHE A 230 -19.33 15.45 0.94
C PHE A 230 -17.86 14.98 1.02
N ALA A 231 -17.20 14.93 -0.12
CA ALA A 231 -15.83 14.42 -0.18
C ALA A 231 -14.88 15.26 0.67
N LYS A 232 -15.01 16.58 0.60
CA LYS A 232 -14.16 17.50 1.34
C LYS A 232 -14.35 17.36 2.86
N LEU A 233 -15.61 17.40 3.30
CA LEU A 233 -15.90 17.28 4.74
C LEU A 233 -15.43 15.93 5.30
N ASP A 234 -15.71 14.85 4.56
CA ASP A 234 -15.34 13.51 5.01
C ASP A 234 -13.83 13.39 5.12
N PHE A 235 -13.12 13.84 4.10
CA PHE A 235 -11.66 13.82 4.14
C PHE A 235 -11.11 14.57 5.35
N ASN A 236 -11.62 15.79 5.60
CA ASN A 236 -11.06 16.61 6.66
C ASN A 236 -11.42 16.05 8.03
N LEU A 237 -12.59 15.44 8.14
CA LEU A 237 -12.99 14.87 9.41
C LEU A 237 -12.16 13.62 9.70
N LEU A 238 -11.93 12.80 8.68
CA LEU A 238 -11.06 11.63 8.86
C LEU A 238 -9.63 12.03 9.22
N GLN A 239 -9.13 13.07 8.57
CA GLN A 239 -7.82 13.62 8.85
C GLN A 239 -7.67 13.99 10.32
N MET A 240 -8.74 14.49 10.94
CA MET A 240 -8.74 14.80 12.37
C MET A 240 -8.44 13.54 13.19
N LEU A 241 -9.09 12.44 12.84
CA LEU A 241 -8.86 11.16 13.49
C LEU A 241 -7.40 10.72 13.31
N HIS A 242 -6.91 10.82 12.09
CA HIS A 242 -5.54 10.45 11.77
C HIS A 242 -4.56 11.27 12.58
N LYS A 243 -4.86 12.57 12.73
CA LYS A 243 -3.99 13.44 13.50
C LYS A 243 -4.02 13.06 14.98
N GLN A 244 -5.19 12.66 15.49
CA GLN A 244 -5.27 12.21 16.88
C GLN A 244 -4.43 10.95 17.06
N GLU A 245 -4.51 10.06 16.07
CA GLU A 245 -3.77 8.81 16.14
C GLU A 245 -2.27 9.07 16.14
N LEU A 246 -1.82 9.90 15.20
CA LEU A 246 -0.41 10.21 15.09
C LEU A 246 0.10 10.93 16.34
N ALA A 247 -0.75 11.72 16.98
CA ALA A 247 -0.36 12.37 18.22
C ALA A 247 -0.12 11.33 19.31
N GLN A 248 -1.07 10.40 19.43
N GLN A 248 -1.07 10.41 19.43
CA GLN A 248 -0.98 9.34 20.42
CA GLN A 248 -0.99 9.33 20.41
C GLN A 248 0.25 8.46 20.18
C GLN A 248 0.25 8.49 20.18
N VAL A 249 0.53 8.20 18.91
CA VAL A 249 1.67 7.39 18.51
C VAL A 249 2.98 8.15 18.74
N SER A 250 2.98 9.44 18.44
CA SER A 250 4.15 10.28 18.67
C SER A 250 4.53 10.33 20.15
N ARG A 251 3.53 10.36 21.03
N ARG A 251 3.53 10.36 21.03
CA ARG A 251 3.78 10.39 22.47
CA ARG A 251 3.79 10.39 22.47
C ARG A 251 4.33 9.04 22.92
C ARG A 251 4.33 9.04 22.92
N TRP A 252 3.79 7.97 22.37
CA TRP A 252 4.26 6.63 22.66
C TRP A 252 5.75 6.49 22.28
N TRP A 253 6.08 6.98 21.10
CA TRP A 253 7.44 6.93 20.59
C TRP A 253 8.39 7.76 21.46
N LYS A 254 7.93 8.97 21.79
CA LYS A 254 8.71 9.89 22.60
C LYS A 254 9.00 9.31 23.99
N ASP A 255 8.04 8.60 24.55
CA ASP A 255 8.18 8.04 25.88
C ASP A 255 9.16 6.86 25.87
N LEU A 256 9.31 6.22 24.71
CA LEU A 256 10.30 5.15 24.56
C LEU A 256 11.71 5.74 24.52
N ASP A 257 11.84 6.93 23.93
CA ASP A 257 13.08 7.71 23.95
C ASP A 257 14.27 6.98 23.33
N PHE A 258 14.00 6.16 22.32
CA PHE A 258 15.04 5.45 21.58
C PHE A 258 16.03 6.40 20.91
N VAL A 259 15.56 7.58 20.53
CA VAL A 259 16.42 8.57 19.87
C VAL A 259 17.52 9.04 20.81
N THR A 260 17.39 8.70 22.09
CA THR A 260 18.39 8.99 23.12
C THR A 260 19.22 7.76 23.48
N THR A 261 18.53 6.68 23.83
CA THR A 261 19.17 5.44 24.29
C THR A 261 19.74 4.61 23.14
N LEU A 262 19.12 4.69 21.97
CA LEU A 262 19.59 3.99 20.78
C LEU A 262 19.87 4.96 19.63
N PRO A 263 20.91 5.79 19.78
CA PRO A 263 21.15 6.92 18.87
C PRO A 263 21.49 6.51 17.44
N TYR A 264 21.75 5.23 17.21
CA TYR A 264 22.02 4.75 15.85
C TYR A 264 20.73 4.57 15.05
N ALA A 265 19.60 4.58 15.75
CA ALA A 265 18.34 4.22 15.10
C ALA A 265 17.65 5.41 14.44
N ARG A 266 16.94 5.12 13.35
CA ARG A 266 16.15 6.12 12.64
C ARG A 266 15.02 6.66 13.51
N ASP A 267 14.79 7.96 13.41
CA ASP A 267 13.68 8.61 14.11
C ASP A 267 12.59 8.95 13.09
N ARG A 268 11.79 7.95 12.72
CA ARG A 268 10.87 8.05 11.60
C ARG A 268 9.45 7.59 11.89
N VAL A 269 8.91 7.94 13.05
CA VAL A 269 7.59 7.42 13.38
C VAL A 269 6.47 8.03 12.49
N VAL A 270 6.68 9.25 12.00
CA VAL A 270 5.69 9.87 11.12
C VAL A 270 5.57 9.07 9.81
N GLU A 271 6.72 8.79 9.19
CA GLU A 271 6.76 7.94 8.00
C GLU A 271 6.17 6.54 8.26
N CYS A 272 6.45 5.96 9.42
CA CYS A 272 5.86 4.65 9.76
C CYS A 272 4.34 4.76 9.85
N TYR A 273 3.85 5.85 10.42
CA TYR A 273 2.40 6.02 10.57
C TYR A 273 1.76 6.21 9.21
N PHE A 274 2.42 6.96 8.34
CA PHE A 274 1.93 7.16 6.99
C PHE A 274 1.74 5.83 6.29
N TRP A 275 2.65 4.90 6.56
CA TRP A 275 2.54 3.59 5.95
CA TRP A 275 2.55 3.59 5.96
C TRP A 275 1.24 2.92 6.35
N THR A 276 0.88 3.02 7.62
CA THR A 276 -0.36 2.40 8.11
C THR A 276 -1.57 3.04 7.45
N LEU A 277 -1.48 4.34 7.20
CA LEU A 277 -2.54 5.09 6.54
C LEU A 277 -2.77 4.60 5.11
N GLY A 278 -1.68 4.22 4.44
CA GLY A 278 -1.76 3.54 3.15
C GLY A 278 -2.43 2.18 3.22
N VAL A 279 -2.16 1.45 4.30
CA VAL A 279 -2.72 0.10 4.51
C VAL A 279 -4.25 0.13 4.74
N TYR A 280 -4.71 1.07 5.56
CA TYR A 280 -6.15 1.34 5.69
C TYR A 280 -6.40 2.72 6.33
N PHE A 281 -7.35 3.48 5.80
CA PHE A 281 -7.58 4.84 6.31
C PHE A 281 -8.92 5.00 7.05
N GLU A 282 -9.78 4.00 6.94
CA GLU A 282 -11.16 4.13 7.42
C GLU A 282 -11.22 4.19 8.95
N PRO A 283 -12.29 4.80 9.53
CA PRO A 283 -12.39 4.97 10.98
C PRO A 283 -12.37 3.66 11.76
N GLN A 284 -12.96 2.60 11.21
N GLN A 284 -12.95 2.61 11.18
CA GLN A 284 -13.09 1.34 11.92
CA GLN A 284 -13.10 1.33 11.84
C GLN A 284 -11.72 0.69 12.17
C GLN A 284 -11.76 0.65 12.10
N TYR A 285 -10.71 1.14 11.42
CA TYR A 285 -9.38 0.57 11.53
C TYR A 285 -8.43 1.45 12.33
N SER A 286 -9.00 2.27 13.21
CA SER A 286 -8.19 3.17 14.04
C SER A 286 -7.26 2.39 14.96
N GLN A 287 -7.84 1.46 15.71
CA GLN A 287 -7.06 0.62 16.61
C GLN A 287 -6.02 -0.19 15.83
N ALA A 288 -6.42 -0.66 14.65
CA ALA A 288 -5.54 -1.47 13.81
C ALA A 288 -4.30 -0.69 13.38
N ARG A 289 -4.49 0.55 12.99
CA ARG A 289 -3.37 1.40 12.59
C ARG A 289 -2.41 1.69 13.74
N VAL A 290 -2.97 1.89 14.93
CA VAL A 290 -2.15 2.25 16.08
C VAL A 290 -1.32 1.01 16.46
N MET A 291 -1.92 -0.17 16.36
CA MET A 291 -1.15 -1.40 16.61
C MET A 291 -0.07 -1.58 15.53
N LEU A 292 -0.47 -1.41 14.27
CA LEU A 292 0.45 -1.64 13.15
C LEU A 292 1.66 -0.72 13.17
N VAL A 293 1.44 0.58 13.41
CA VAL A 293 2.53 1.55 13.35
C VAL A 293 3.64 1.21 14.36
N LYS A 294 3.25 0.64 15.50
CA LYS A 294 4.19 0.31 16.57
C LYS A 294 5.13 -0.83 16.17
N THR A 295 4.60 -1.78 15.41
CA THR A 295 5.42 -2.85 14.85
C THR A 295 6.35 -2.31 13.75
N ILE A 296 5.84 -1.43 12.90
CA ILE A 296 6.68 -0.88 11.83
C ILE A 296 7.87 -0.12 12.45
N SER A 297 7.59 0.72 13.45
CA SER A 297 8.63 1.45 14.15
C SER A 297 9.66 0.52 14.79
N MET A 298 9.18 -0.53 15.44
CA MET A 298 10.06 -1.41 16.18
C MET A 298 10.92 -2.26 15.22
N ILE A 299 10.37 -2.68 14.09
CA ILE A 299 11.15 -3.51 13.18
C ILE A 299 12.22 -2.67 12.47
N SER A 300 11.95 -1.39 12.27
CA SER A 300 12.99 -0.53 11.71
C SER A 300 14.16 -0.39 12.70
N ILE A 301 13.88 -0.46 14.00
CA ILE A 301 14.93 -0.47 15.02
C ILE A 301 15.79 -1.75 14.90
N VAL A 302 15.10 -2.87 14.73
CA VAL A 302 15.76 -4.16 14.60
C VAL A 302 16.62 -4.19 13.34
N ASP A 303 16.05 -3.74 12.23
CA ASP A 303 16.77 -3.69 10.96
C ASP A 303 18.07 -2.91 11.12
N ASP A 304 17.98 -1.75 11.75
CA ASP A 304 19.15 -0.88 11.90
C ASP A 304 20.18 -1.51 12.81
N THR A 305 19.71 -2.23 13.81
CA THR A 305 20.59 -2.94 14.74
C THR A 305 21.40 -3.98 13.98
N PHE A 306 20.75 -4.64 13.02
CA PHE A 306 21.41 -5.63 12.17
C PHE A 306 22.28 -4.98 11.10
N ASP A 307 21.81 -3.87 10.57
CA ASP A 307 22.41 -3.28 9.37
C ASP A 307 23.62 -2.40 9.64
N ALA A 308 23.69 -1.80 10.83
CA ALA A 308 24.77 -0.85 11.08
C ALA A 308 25.05 -0.59 12.56
N TYR A 309 25.09 -1.63 13.37
CA TYR A 309 25.56 -1.44 14.75
C TYR A 309 26.04 -2.72 15.43
N GLY A 310 25.22 -3.76 15.42
CA GLY A 310 25.56 -4.99 16.08
C GLY A 310 26.72 -5.75 15.46
N THR A 311 27.55 -6.35 16.29
CA THR A 311 28.60 -7.24 15.81
C THR A 311 27.99 -8.60 15.47
N VAL A 312 28.75 -9.46 14.81
CA VAL A 312 28.27 -10.79 14.49
C VAL A 312 27.82 -11.52 15.75
N LYS A 313 28.69 -11.53 16.75
CA LYS A 313 28.41 -12.19 18.02
C LYS A 313 27.18 -11.62 18.72
N GLU A 314 27.06 -10.29 18.75
CA GLU A 314 25.89 -9.65 19.34
C GLU A 314 24.62 -10.04 18.59
N LEU A 315 24.69 -9.99 17.27
CA LEU A 315 23.55 -10.32 16.44
C LEU A 315 23.08 -11.78 16.60
N GLU A 316 24.02 -12.69 16.87
CA GLU A 316 23.66 -14.10 17.06
C GLU A 316 22.89 -14.31 18.37
N ALA A 317 23.34 -13.67 19.45
CA ALA A 317 22.63 -13.71 20.73
C ALA A 317 21.26 -13.05 20.63
N TYR A 318 21.19 -11.94 19.90
CA TYR A 318 19.93 -11.25 19.71
C TYR A 318 18.93 -12.19 19.02
N THR A 319 19.39 -12.81 17.95
CA THR A 319 18.57 -13.75 17.20
C THR A 319 18.09 -14.89 18.08
N ASP A 320 19.01 -15.46 18.87
CA ASP A 320 18.64 -16.56 19.75
C ASP A 320 17.63 -16.13 20.81
N ALA A 321 17.85 -14.98 21.42
CA ALA A 321 16.92 -14.49 22.44
C ALA A 321 15.52 -14.31 21.86
N ILE A 322 15.42 -13.83 20.63
CA ILE A 322 14.13 -13.67 19.95
C ILE A 322 13.41 -15.02 19.80
N GLN A 323 14.13 -16.06 19.42
CA GLN A 323 13.52 -17.38 19.26
C GLN A 323 12.98 -17.92 20.59
N ARG A 324 13.70 -17.66 21.68
CA ARG A 324 13.27 -18.12 23.00
C ARG A 324 12.14 -17.26 23.56
N TRP A 325 12.20 -15.95 23.28
CA TRP A 325 11.11 -15.03 23.60
C TRP A 325 10.70 -15.10 25.06
N ASP A 326 11.66 -14.82 25.93
CA ASP A 326 11.43 -14.87 27.36
C ASP A 326 12.23 -13.73 27.94
N ILE A 327 11.60 -12.94 28.79
CA ILE A 327 12.29 -11.82 29.43
C ILE A 327 13.50 -12.31 30.25
N ASN A 328 13.48 -13.59 30.65
N ASN A 328 13.51 -13.59 30.61
CA ASN A 328 14.63 -14.22 31.30
CA ASN A 328 14.63 -14.21 31.33
C ASN A 328 15.91 -14.10 30.48
C ASN A 328 15.90 -14.27 30.47
N GLU A 329 15.75 -14.08 29.17
CA GLU A 329 16.87 -14.09 28.23
C GLU A 329 17.64 -12.77 28.16
N ILE A 330 17.09 -11.72 28.73
CA ILE A 330 17.62 -10.38 28.52
C ILE A 330 19.03 -10.18 29.11
N ASP A 331 19.42 -11.00 30.09
CA ASP A 331 20.75 -10.89 30.68
C ASP A 331 21.84 -11.32 29.69
N ARG A 332 21.48 -12.19 28.75
N ARG A 332 21.45 -12.18 28.74
CA ARG A 332 22.43 -12.69 27.75
CA ARG A 332 22.36 -12.70 27.73
C ARG A 332 22.77 -11.64 26.68
C ARG A 332 22.71 -11.68 26.65
N LEU A 333 22.17 -10.47 26.79
CA LEU A 333 22.36 -9.43 25.78
C LEU A 333 23.13 -8.22 26.31
N PRO A 334 23.88 -7.54 25.43
CA PRO A 334 24.45 -6.22 25.75
C PRO A 334 23.36 -5.22 26.11
N ASP A 335 23.70 -4.23 26.93
N ASP A 335 23.70 -4.23 26.93
CA ASP A 335 22.72 -3.26 27.45
CA ASP A 335 22.72 -3.27 27.45
C ASP A 335 21.87 -2.63 26.35
C ASP A 335 21.88 -2.61 26.37
N TYR A 336 22.52 -2.22 25.27
CA TYR A 336 21.81 -1.53 24.20
C TYR A 336 20.80 -2.44 23.49
N MET A 337 21.06 -3.76 23.50
CA MET A 337 20.11 -4.71 22.92
C MET A 337 19.02 -5.05 23.90
N LYS A 338 19.36 -5.02 25.20
CA LYS A 338 18.36 -5.20 26.25
C LYS A 338 17.18 -4.24 26.05
N ILE A 339 17.49 -3.03 25.62
CA ILE A 339 16.47 -1.99 25.47
C ILE A 339 15.43 -2.35 24.41
N SER A 340 15.87 -2.72 23.21
N SER A 340 15.87 -2.72 23.21
CA SER A 340 14.93 -3.06 22.15
CA SER A 340 14.93 -3.06 22.15
C SER A 340 14.24 -4.40 22.43
C SER A 340 14.25 -4.39 22.43
N TYR A 341 14.97 -5.32 23.05
CA TYR A 341 14.43 -6.64 23.34
C TYR A 341 13.27 -6.58 24.32
N LYS A 342 13.46 -5.87 25.43
CA LYS A 342 12.37 -5.65 26.37
C LYS A 342 11.20 -4.94 25.69
N ALA A 343 11.50 -3.91 24.91
CA ALA A 343 10.46 -3.15 24.20
C ALA A 343 9.64 -4.06 23.28
N ILE A 344 10.32 -4.93 22.55
CA ILE A 344 9.63 -5.85 21.66
C ILE A 344 8.69 -6.75 22.47
N LEU A 345 9.21 -7.37 23.52
CA LEU A 345 8.38 -8.24 24.36
C LEU A 345 7.21 -7.47 25.00
N ASP A 346 7.46 -6.24 25.44
CA ASP A 346 6.39 -5.43 26.01
C ASP A 346 5.31 -5.11 24.99
N LEU A 347 5.72 -4.83 23.77
CA LEU A 347 4.77 -4.47 22.71
C LEU A 347 3.76 -5.59 22.48
N TYR A 348 4.25 -6.82 22.42
CA TYR A 348 3.37 -7.95 22.18
C TYR A 348 2.51 -8.30 23.41
N LYS A 349 3.03 -8.09 24.62
N LYS A 349 3.02 -8.09 24.61
CA LYS A 349 2.20 -8.21 25.81
CA LYS A 349 2.19 -8.21 25.81
C LYS A 349 1.13 -7.11 25.82
C LYS A 349 1.12 -7.11 25.79
N ASP A 350 1.47 -5.93 25.29
CA ASP A 350 0.52 -4.83 25.17
C ASP A 350 -0.59 -5.22 24.20
N TYR A 351 -0.19 -5.79 23.06
CA TYR A 351 -1.14 -6.29 22.08
C TYR A 351 -2.14 -7.26 22.72
N GLU A 352 -1.61 -8.22 23.47
CA GLU A 352 -2.44 -9.23 24.13
C GLU A 352 -3.46 -8.60 25.09
N LYS A 353 -3.04 -7.58 25.81
CA LYS A 353 -3.93 -6.93 26.78
C LYS A 353 -5.06 -6.15 26.09
N GLU A 354 -4.74 -5.39 25.05
CA GLU A 354 -5.78 -4.59 24.41
C GLU A 354 -6.72 -5.44 23.55
N LEU A 355 -6.35 -6.68 23.29
CA LEU A 355 -7.21 -7.59 22.54
C LEU A 355 -8.00 -8.54 23.45
N SER A 356 -7.70 -8.53 24.74
CA SER A 356 -8.29 -9.51 25.65
C SER A 356 -9.77 -9.27 25.94
N SER A 357 -10.17 -8.00 25.91
CA SER A 357 -11.56 -7.64 26.14
C SER A 357 -12.44 -8.15 25.02
N ALA A 358 -11.90 -8.16 23.81
CA ALA A 358 -12.61 -8.67 22.64
C ALA A 358 -12.46 -10.18 22.51
N GLY A 359 -11.63 -10.77 23.37
CA GLY A 359 -11.42 -12.20 23.38
C GLY A 359 -10.49 -12.69 22.29
N ARG A 360 -9.67 -11.78 21.75
CA ARG A 360 -8.81 -12.10 20.62
C ARG A 360 -7.31 -12.08 20.96
N SER A 361 -6.98 -12.25 22.24
CA SER A 361 -5.58 -12.25 22.65
C SER A 361 -4.80 -13.36 21.98
N HIS A 362 -5.48 -14.49 21.78
CA HIS A 362 -4.84 -15.70 21.28
C HIS A 362 -4.23 -15.59 19.87
N ILE A 363 -4.58 -14.56 19.11
CA ILE A 363 -4.05 -14.48 17.75
C ILE A 363 -2.79 -13.63 17.64
N VAL A 364 -2.35 -13.06 18.76
CA VAL A 364 -1.11 -12.29 18.77
C VAL A 364 0.10 -13.18 18.41
N CYS A 365 0.03 -14.45 18.77
CA CYS A 365 1.16 -15.37 18.51
C CYS A 365 1.55 -15.44 17.02
N HIS A 366 0.61 -15.18 16.13
CA HIS A 366 0.88 -15.26 14.69
C HIS A 366 1.85 -14.16 14.25
N ALA A 367 1.68 -12.96 14.79
CA ALA A 367 2.60 -11.88 14.46
C ALA A 367 3.95 -12.12 15.12
N ILE A 368 3.91 -12.71 16.32
CA ILE A 368 5.13 -13.06 17.04
C ILE A 368 5.96 -14.04 16.22
N GLU A 369 5.29 -15.01 15.59
CA GLU A 369 6.03 -15.97 14.76
C GLU A 369 6.70 -15.28 13.57
N ARG A 370 6.06 -14.27 12.99
CA ARG A 370 6.66 -13.55 11.88
C ARG A 370 7.84 -12.68 12.33
N MET A 371 7.74 -12.12 13.53
CA MET A 371 8.88 -11.40 14.10
C MET A 371 10.07 -12.34 14.27
N LYS A 372 9.82 -13.52 14.85
CA LYS A 372 10.87 -14.53 15.01
C LYS A 372 11.50 -14.89 13.66
N GLU A 373 10.63 -15.06 12.65
CA GLU A 373 11.05 -15.35 11.29
C GLU A 373 11.97 -14.28 10.71
N ILE A 374 11.54 -13.02 10.74
CA ILE A 374 12.33 -12.00 10.07
C ILE A 374 13.68 -11.83 10.78
N VAL A 375 13.70 -12.03 12.10
CA VAL A 375 14.97 -11.91 12.81
C VAL A 375 15.93 -13.02 12.39
N ARG A 376 15.42 -14.25 12.22
CA ARG A 376 16.29 -15.33 11.72
C ARG A 376 16.90 -14.93 10.39
N ASN A 377 16.07 -14.41 9.50
CA ASN A 377 16.50 -14.10 8.15
C ASN A 377 17.42 -12.88 8.08
N TYR A 378 17.21 -11.91 8.98
CA TYR A 378 18.18 -10.84 9.18
C TYR A 378 19.57 -11.42 9.51
N ASN A 379 19.60 -12.38 10.42
N ASN A 379 19.59 -12.39 10.42
CA ASN A 379 20.86 -12.96 10.84
CA ASN A 379 20.85 -12.98 10.85
C ASN A 379 21.55 -13.73 9.70
C ASN A 379 21.55 -13.73 9.70
N VAL A 380 20.75 -14.38 8.85
CA VAL A 380 21.28 -15.06 7.68
C VAL A 380 21.89 -14.03 6.73
N GLU A 381 21.17 -12.92 6.53
CA GLU A 381 21.62 -11.85 5.67
C GLU A 381 22.95 -11.29 6.16
N SER A 382 23.08 -11.13 7.47
CA SER A 382 24.31 -10.69 8.07
C SER A 382 25.43 -11.71 7.81
N THR A 383 25.12 -12.99 7.99
CA THR A 383 26.12 -14.04 7.78
C THR A 383 26.65 -13.99 6.36
N TRP A 384 25.71 -13.94 5.41
CA TRP A 384 26.02 -13.83 3.99
C TRP A 384 26.94 -12.67 3.69
N PHE A 385 26.62 -11.52 4.28
CA PHE A 385 27.42 -10.32 4.12
C PHE A 385 28.83 -10.51 4.68
N ILE A 386 28.94 -11.02 5.90
CA ILE A 386 30.23 -11.30 6.51
C ILE A 386 31.07 -12.30 5.70
N GLU A 387 30.42 -13.34 5.18
CA GLU A 387 31.14 -14.38 4.42
C GLU A 387 31.46 -13.92 3.00
N GLY A 388 30.84 -12.82 2.57
CA GLY A 388 30.93 -12.42 1.18
C GLY A 388 30.27 -13.42 0.25
N TYR A 389 29.11 -13.93 0.65
CA TYR A 389 28.39 -14.94 -0.12
C TYR A 389 27.41 -14.33 -1.13
N THR A 390 27.46 -14.81 -2.37
CA THR A 390 26.49 -14.40 -3.38
C THR A 390 25.64 -15.58 -3.82
N PRO A 391 24.46 -15.75 -3.20
CA PRO A 391 23.60 -16.90 -3.47
C PRO A 391 22.95 -16.83 -4.85
N PRO A 392 22.51 -17.98 -5.38
CA PRO A 392 21.67 -17.96 -6.58
C PRO A 392 20.33 -17.31 -6.26
N VAL A 393 19.61 -16.82 -7.28
CA VAL A 393 18.41 -16.03 -7.02
C VAL A 393 17.39 -16.79 -6.17
N SER A 394 17.23 -18.08 -6.46
CA SER A 394 16.28 -18.89 -5.70
C SER A 394 16.63 -18.86 -4.20
N GLU A 395 17.89 -19.08 -3.87
CA GLU A 395 18.29 -19.10 -2.46
C GLU A 395 18.18 -17.72 -1.88
N TYR A 396 18.66 -16.72 -2.62
CA TYR A 396 18.53 -15.34 -2.20
C TYR A 396 17.11 -14.99 -1.78
N LEU A 397 16.15 -15.30 -2.65
CA LEU A 397 14.77 -14.94 -2.37
C LEU A 397 14.20 -15.73 -1.20
N SER A 398 14.67 -16.98 -1.01
N SER A 398 14.65 -16.96 -1.00
CA SER A 398 14.19 -17.80 0.09
CA SER A 398 14.13 -17.76 0.11
C SER A 398 14.43 -17.08 1.43
C SER A 398 14.46 -17.11 1.46
N ASN A 399 15.47 -16.26 1.49
CA ASN A 399 15.77 -15.50 2.70
C ASN A 399 15.25 -14.05 2.63
N ALA A 400 15.45 -13.42 1.48
CA ALA A 400 15.24 -11.99 1.36
C ALA A 400 13.77 -11.59 1.20
N LEU A 401 12.86 -12.53 0.92
CA LEU A 401 11.46 -12.12 0.89
C LEU A 401 11.00 -11.68 2.29
N ALA A 402 11.34 -12.47 3.31
CA ALA A 402 10.92 -12.14 4.66
C ALA A 402 11.49 -10.80 5.12
N THR A 403 12.72 -10.48 4.72
CA THR A 403 13.38 -9.28 5.22
C THR A 403 12.81 -8.00 4.61
N THR A 404 11.81 -8.12 3.73
CA THR A 404 11.05 -6.93 3.28
C THR A 404 10.19 -6.37 4.42
N THR A 405 9.98 -7.19 5.44
CA THR A 405 9.07 -7.00 6.58
C THR A 405 7.61 -7.28 6.21
N TYR A 406 7.34 -7.59 4.95
CA TYR A 406 5.95 -7.61 4.49
C TYR A 406 5.12 -8.80 4.99
N TYR A 407 5.75 -9.92 5.33
CA TYR A 407 5.00 -11.01 5.98
C TYR A 407 4.54 -10.56 7.38
N LEU A 408 5.46 -9.99 8.13
CA LEU A 408 5.16 -9.39 9.45
C LEU A 408 4.08 -8.29 9.40
N LEU A 409 4.26 -7.30 8.53
CA LEU A 409 3.30 -6.20 8.42
C LEU A 409 1.90 -6.69 8.04
N ALA A 410 1.83 -7.61 7.08
CA ALA A 410 0.54 -8.11 6.65
C ALA A 410 -0.16 -8.80 7.81
N THR A 411 0.59 -9.65 8.50
CA THR A 411 0.08 -10.35 9.67
C THR A 411 -0.34 -9.39 10.76
N THR A 412 0.47 -8.35 10.97
CA THR A 412 0.22 -7.39 12.02
C THR A 412 -1.03 -6.57 11.69
N SER A 413 -1.24 -6.32 10.40
CA SER A 413 -2.39 -5.51 9.95
C SER A 413 -3.70 -6.10 10.45
N TYR A 414 -3.74 -7.42 10.60
CA TYR A 414 -4.97 -8.09 11.06
C TYR A 414 -5.24 -7.97 12.56
N LEU A 415 -4.20 -7.65 13.36
CA LEU A 415 -4.35 -7.68 14.82
C LEU A 415 -5.52 -6.83 15.30
N GLY A 416 -5.63 -5.62 14.76
CA GLY A 416 -6.65 -4.68 15.21
C GLY A 416 -7.94 -4.75 14.43
N MET A 417 -8.02 -5.67 13.47
CA MET A 417 -9.25 -5.82 12.70
C MET A 417 -10.17 -6.78 13.44
N LYS A 418 -11.28 -6.25 13.95
CA LYS A 418 -12.20 -7.02 14.79
C LYS A 418 -12.74 -8.27 14.09
N SER A 419 -12.82 -8.23 12.77
CA SER A 419 -13.40 -9.32 12.01
C SER A 419 -12.43 -10.47 11.79
N ALA A 420 -11.14 -10.20 11.96
CA ALA A 420 -10.12 -11.21 11.66
C ALA A 420 -10.25 -12.39 12.59
N THR A 421 -10.32 -13.58 12.02
CA THR A 421 -10.45 -14.82 12.79
C THR A 421 -9.18 -15.66 12.72
N GLU A 422 -9.15 -16.71 13.54
CA GLU A 422 -8.02 -17.64 13.55
C GLU A 422 -7.81 -18.25 12.16
N GLN A 423 -8.92 -18.61 11.51
CA GLN A 423 -8.89 -19.18 10.17
C GLN A 423 -8.25 -18.22 9.17
N ASP A 424 -8.46 -16.91 9.36
CA ASP A 424 -7.83 -15.90 8.51
C ASP A 424 -6.32 -15.88 8.71
N PHE A 425 -5.87 -16.04 9.95
CA PHE A 425 -4.44 -16.08 10.24
C PHE A 425 -3.80 -17.37 9.73
N GLU A 426 -4.55 -18.46 9.78
CA GLU A 426 -4.02 -19.73 9.29
C GLU A 426 -3.77 -19.67 7.78
N TRP A 427 -4.70 -19.06 7.06
CA TRP A 427 -4.55 -18.86 5.63
C TRP A 427 -3.31 -18.02 5.32
N LEU A 428 -3.17 -16.92 6.04
CA LEU A 428 -2.03 -16.05 5.85
C LEU A 428 -0.72 -16.75 6.19
N SER A 429 -0.78 -17.62 7.20
CA SER A 429 0.42 -18.29 7.67
C SER A 429 1.04 -19.23 6.62
N LYS A 430 0.27 -19.56 5.59
CA LYS A 430 0.77 -20.50 4.57
C LYS A 430 1.40 -19.79 3.40
N ASN A 431 1.63 -18.48 3.54
CA ASN A 431 2.16 -17.64 2.46
C ASN A 431 1.34 -17.77 1.16
N PRO A 432 0.05 -17.38 1.19
CA PRO A 432 -0.77 -17.52 -0.02
C PRO A 432 -0.22 -16.65 -1.14
N LYS A 433 -0.61 -16.97 -2.37
N LYS A 433 -0.58 -16.97 -2.38
CA LYS A 433 -0.06 -16.37 -3.58
CA LYS A 433 0.01 -16.34 -3.54
C LYS A 433 -0.15 -14.85 -3.60
C LYS A 433 -0.12 -14.82 -3.55
N ILE A 434 -1.27 -14.29 -3.13
CA ILE A 434 -1.45 -12.85 -3.16
C ILE A 434 -0.49 -12.16 -2.18
N LEU A 435 -0.23 -12.79 -1.04
CA LEU A 435 0.77 -12.27 -0.10
C LEU A 435 2.17 -12.38 -0.70
N GLU A 436 2.53 -13.56 -1.22
CA GLU A 436 3.81 -13.74 -1.90
C GLU A 436 4.02 -12.68 -2.98
N ALA A 437 2.99 -12.43 -3.77
CA ALA A 437 3.10 -11.41 -4.82
C ALA A 437 3.44 -10.02 -4.26
N SER A 438 2.72 -9.60 -3.23
CA SER A 438 2.98 -8.32 -2.62
C SER A 438 4.42 -8.27 -2.07
N VAL A 439 4.86 -9.36 -1.45
CA VAL A 439 6.20 -9.39 -0.88
C VAL A 439 7.25 -9.27 -1.97
N ILE A 440 7.01 -9.97 -3.07
CA ILE A 440 7.93 -9.95 -4.22
C ILE A 440 8.04 -8.56 -4.81
N ILE A 441 6.91 -7.87 -4.95
CA ILE A 441 6.92 -6.49 -5.43
C ILE A 441 7.78 -5.62 -4.56
N CYS A 442 7.62 -5.74 -3.24
CA CYS A 442 8.41 -4.94 -2.32
C CYS A 442 9.91 -5.29 -2.46
N ARG A 443 10.19 -6.58 -2.57
CA ARG A 443 11.59 -7.06 -2.67
C ARG A 443 12.30 -6.53 -3.92
N VAL A 444 11.68 -6.66 -5.09
CA VAL A 444 12.35 -6.28 -6.32
C VAL A 444 12.40 -4.77 -6.54
N ILE A 445 11.40 -4.05 -6.04
CA ILE A 445 11.44 -2.60 -6.13
C ILE A 445 12.55 -2.08 -5.22
N ASP A 446 12.62 -2.61 -4.00
CA ASP A 446 13.67 -2.23 -3.07
C ASP A 446 15.04 -2.55 -3.67
N ASP A 447 15.17 -3.72 -4.27
CA ASP A 447 16.48 -4.13 -4.79
C ASP A 447 16.90 -3.32 -6.00
N THR A 448 15.94 -2.91 -6.81
CA THR A 448 16.26 -2.10 -7.99
C THR A 448 16.74 -0.72 -7.55
N ALA A 449 16.07 -0.15 -6.55
CA ALA A 449 16.40 1.17 -6.04
C ALA A 449 17.66 1.18 -5.17
N THR A 450 17.90 0.08 -4.47
CA THR A 450 18.97 0.01 -3.49
C THR A 450 20.30 -0.40 -4.12
N TYR A 451 20.24 -0.95 -5.34
CA TYR A 451 21.42 -1.59 -5.91
C TYR A 451 22.66 -0.70 -5.96
N GLU A 452 22.58 0.41 -6.68
CA GLU A 452 23.75 1.24 -6.92
C GLU A 452 24.39 1.79 -5.64
N VAL A 453 23.56 2.18 -4.68
CA VAL A 453 24.06 2.72 -3.42
C VAL A 453 24.67 1.60 -2.56
N GLU A 454 23.95 0.48 -2.42
CA GLU A 454 24.44 -0.63 -1.60
C GLU A 454 25.61 -1.35 -2.25
N LYS A 455 25.72 -1.27 -3.58
CA LYS A 455 26.84 -1.84 -4.31
C LYS A 455 28.17 -1.21 -3.86
N SER A 456 28.11 0.09 -3.55
CA SER A 456 29.29 0.82 -3.09
C SER A 456 29.47 0.69 -1.58
N ARG A 457 28.42 0.23 -0.90
CA ARG A 457 28.45 0.03 0.54
C ARG A 457 29.03 -1.34 0.91
N GLY A 458 29.45 -2.10 -0.09
CA GLY A 458 30.10 -3.38 0.13
C GLY A 458 29.20 -4.60 0.05
N GLN A 459 27.92 -4.40 -0.28
CA GLN A 459 26.97 -5.49 -0.36
C GLN A 459 27.17 -6.35 -1.61
N ILE A 460 27.74 -7.54 -1.41
CA ILE A 460 27.96 -8.50 -2.49
C ILE A 460 26.73 -9.38 -2.72
N ALA A 461 25.85 -9.39 -1.73
CA ALA A 461 24.68 -10.27 -1.73
C ALA A 461 23.41 -9.48 -2.00
N THR A 462 23.54 -8.37 -2.73
CA THR A 462 22.37 -7.57 -3.06
C THR A 462 21.61 -8.28 -4.18
N GLY A 463 20.29 -8.16 -4.15
CA GLY A 463 19.39 -8.81 -5.09
C GLY A 463 19.84 -8.80 -6.54
N ILE A 464 20.14 -7.61 -7.06
CA ILE A 464 20.51 -7.46 -8.45
C ILE A 464 21.82 -8.19 -8.76
N GLU A 465 22.77 -8.12 -7.83
CA GLU A 465 24.06 -8.81 -7.97
C GLU A 465 23.89 -10.33 -8.04
N CYS A 466 23.07 -10.87 -7.14
CA CYS A 466 22.73 -12.28 -7.17
C CYS A 466 22.18 -12.65 -8.55
N CYS A 467 21.28 -11.80 -9.06
CA CYS A 467 20.66 -12.03 -10.36
C CYS A 467 21.67 -11.97 -11.50
N MET A 468 22.49 -10.92 -11.50
CA MET A 468 23.55 -10.78 -12.50
C MET A 468 24.46 -12.00 -12.55
N ARG A 469 24.80 -12.54 -11.37
CA ARG A 469 25.75 -13.65 -11.27
C ARG A 469 25.08 -14.97 -11.63
N ASP A 470 23.86 -15.17 -11.16
CA ASP A 470 23.14 -16.40 -11.42
C ASP A 470 22.92 -16.64 -12.93
N TYR A 471 22.36 -15.64 -13.61
CA TYR A 471 21.99 -15.77 -15.02
C TYR A 471 23.09 -15.32 -15.98
N GLY A 472 24.19 -14.83 -15.44
CA GLY A 472 25.28 -14.33 -16.25
C GLY A 472 24.87 -13.16 -17.14
N ILE A 473 24.14 -12.21 -16.56
CA ILE A 473 23.62 -11.08 -17.31
C ILE A 473 24.07 -9.74 -16.73
N SER A 474 23.83 -8.66 -17.48
CA SER A 474 24.25 -7.32 -17.07
C SER A 474 23.35 -6.73 -16.00
N THR A 475 23.71 -5.55 -15.52
CA THR A 475 22.90 -4.86 -14.52
C THR A 475 21.53 -4.52 -15.10
N LYS A 476 21.50 -4.09 -16.35
CA LYS A 476 20.25 -3.70 -17.01
C LYS A 476 19.35 -4.93 -17.18
N GLU A 477 19.92 -6.00 -17.70
CA GLU A 477 19.18 -7.24 -17.90
C GLU A 477 18.60 -7.77 -16.59
N ALA A 478 19.41 -7.73 -15.53
CA ALA A 478 18.95 -8.15 -14.20
C ALA A 478 17.78 -7.28 -13.73
N MET A 479 17.90 -5.97 -13.90
CA MET A 479 16.84 -5.08 -13.47
C MET A 479 15.58 -5.32 -14.29
N ALA A 480 15.72 -5.61 -15.57
CA ALA A 480 14.54 -5.94 -16.37
C ALA A 480 13.91 -7.26 -15.93
N LYS A 481 14.73 -8.26 -15.60
CA LYS A 481 14.19 -9.51 -15.04
C LYS A 481 13.41 -9.22 -13.76
N PHE A 482 13.92 -8.31 -12.94
CA PHE A 482 13.23 -7.96 -11.69
C PHE A 482 11.92 -7.22 -11.98
N GLN A 483 11.94 -6.32 -12.95
N GLN A 483 11.94 -6.30 -12.94
CA GLN A 483 10.72 -5.62 -13.36
CA GLN A 483 10.70 -5.62 -13.34
C GLN A 483 9.67 -6.65 -13.80
C GLN A 483 9.66 -6.64 -13.80
N ASN A 484 10.10 -7.65 -14.55
CA ASN A 484 9.19 -8.70 -15.02
C ASN A 484 8.58 -9.48 -13.87
N MET A 485 9.38 -9.75 -12.83
CA MET A 485 8.85 -10.41 -11.64
C MET A 485 7.77 -9.56 -10.98
N ALA A 486 7.94 -8.24 -10.96
CA ALA A 486 6.96 -7.36 -10.35
C ALA A 486 5.68 -7.32 -11.20
N GLU A 487 5.83 -7.32 -12.51
N GLU A 487 5.83 -7.31 -12.52
CA GLU A 487 4.68 -7.34 -13.42
CA GLU A 487 4.69 -7.34 -13.43
C GLU A 487 3.87 -8.61 -13.19
C GLU A 487 3.87 -8.60 -13.20
N THR A 488 4.57 -9.72 -13.08
CA THR A 488 3.96 -11.02 -12.85
C THR A 488 3.21 -11.06 -11.53
N ALA A 489 3.86 -10.53 -10.49
CA ALA A 489 3.25 -10.41 -9.19
C ALA A 489 2.00 -9.50 -9.19
N TRP A 490 2.01 -8.38 -9.91
CA TRP A 490 0.78 -7.58 -9.98
C TRP A 490 -0.40 -8.36 -10.60
N LYS A 491 -0.13 -9.12 -11.66
CA LYS A 491 -1.19 -9.95 -12.25
C LYS A 491 -1.68 -10.98 -11.24
N ASP A 492 -0.76 -11.53 -10.45
CA ASP A 492 -1.12 -12.47 -9.39
C ASP A 492 -2.00 -11.82 -8.34
N ILE A 493 -1.65 -10.61 -7.94
CA ILE A 493 -2.48 -9.87 -7.01
C ILE A 493 -3.87 -9.65 -7.59
N ASN A 494 -3.92 -9.22 -8.85
CA ASN A 494 -5.19 -8.96 -9.51
C ASN A 494 -6.03 -10.22 -9.59
N GLU A 495 -5.39 -11.33 -9.93
CA GLU A 495 -6.08 -12.62 -9.98
C GLU A 495 -6.56 -13.01 -8.59
N GLY A 496 -5.73 -12.75 -7.58
CA GLY A 496 -6.06 -13.09 -6.20
C GLY A 496 -7.23 -12.31 -5.60
N LEU A 497 -7.66 -11.25 -6.28
CA LEU A 497 -8.83 -10.49 -5.82
C LEU A 497 -10.13 -11.05 -6.38
N LEU A 498 -10.02 -11.95 -7.36
CA LEU A 498 -11.20 -12.46 -8.03
C LEU A 498 -12.01 -13.42 -7.16
N ARG A 499 -13.33 -13.23 -7.18
CA ARG A 499 -14.26 -14.14 -6.51
C ARG A 499 -14.31 -15.51 -7.15
N PRO A 500 -14.50 -16.56 -6.36
CA PRO A 500 -14.56 -16.57 -4.90
C PRO A 500 -13.17 -16.41 -4.24
N THR A 501 -13.06 -15.49 -3.28
CA THR A 501 -11.81 -15.24 -2.57
C THR A 501 -11.62 -16.26 -1.44
N PRO A 502 -10.37 -16.62 -1.14
CA PRO A 502 -10.11 -17.64 -0.10
C PRO A 502 -10.41 -17.14 1.33
N VAL A 503 -10.36 -15.83 1.50
CA VAL A 503 -10.82 -15.20 2.72
C VAL A 503 -11.62 -13.97 2.31
N SER A 504 -12.30 -13.36 3.27
CA SER A 504 -13.04 -12.13 3.01
C SER A 504 -12.14 -11.04 2.42
N THR A 505 -12.70 -10.26 1.49
CA THR A 505 -11.96 -9.22 0.79
C THR A 505 -11.38 -8.16 1.74
N GLU A 506 -12.05 -7.98 2.87
CA GLU A 506 -11.53 -7.12 3.91
C GLU A 506 -10.07 -7.50 4.25
N PHE A 507 -9.73 -8.78 4.12
CA PHE A 507 -8.39 -9.22 4.50
C PHE A 507 -7.40 -9.31 3.34
N LEU A 508 -7.88 -9.04 2.13
CA LEU A 508 -7.02 -8.95 0.95
C LEU A 508 -6.53 -7.53 0.69
N THR A 509 -7.39 -6.55 0.95
CA THR A 509 -7.08 -5.16 0.64
C THR A 509 -5.80 -4.64 1.34
N PRO A 510 -5.55 -5.05 2.60
CA PRO A 510 -4.27 -4.63 3.21
C PRO A 510 -3.06 -5.12 2.42
N ILE A 511 -3.17 -6.30 1.84
CA ILE A 511 -2.05 -6.88 1.10
C ILE A 511 -1.87 -6.13 -0.20
N LEU A 512 -2.98 -5.88 -0.88
CA LEU A 512 -2.96 -5.03 -2.06
C LEU A 512 -2.38 -3.64 -1.72
N ASN A 513 -2.80 -3.09 -0.59
CA ASN A 513 -2.39 -1.73 -0.23
C ASN A 513 -0.93 -1.64 0.13
N LEU A 514 -0.41 -2.71 0.72
CA LEU A 514 1.03 -2.85 0.98
C LEU A 514 1.83 -2.81 -0.32
N ALA A 515 1.32 -3.44 -1.37
CA ALA A 515 1.99 -3.42 -2.68
C ALA A 515 1.93 -2.02 -3.28
N ARG A 516 0.77 -1.38 -3.10
CA ARG A 516 0.58 0.00 -3.55
C ARG A 516 1.59 0.97 -2.91
N ILE A 517 1.76 0.93 -1.59
CA ILE A 517 2.63 1.97 -0.97
C ILE A 517 4.07 1.84 -1.44
N ILE A 518 4.54 0.62 -1.64
CA ILE A 518 5.94 0.48 -1.99
C ILE A 518 6.18 0.99 -3.41
N GLU A 519 5.23 0.76 -4.31
CA GLU A 519 5.32 1.30 -5.67
C GLU A 519 5.34 2.83 -5.64
N VAL A 520 4.47 3.40 -4.83
CA VAL A 520 4.37 4.84 -4.70
C VAL A 520 5.63 5.45 -4.06
N THR A 521 6.16 4.77 -3.05
CA THR A 521 7.33 5.24 -2.30
C THR A 521 8.61 5.22 -3.12
N TYR A 522 8.66 4.32 -4.11
CA TYR A 522 9.85 4.21 -4.95
C TYR A 522 9.55 4.56 -6.39
N ILE A 523 8.58 5.45 -6.58
CA ILE A 523 8.17 5.88 -7.91
C ILE A 523 9.32 6.58 -8.63
N HIS A 524 9.38 6.39 -9.96
CA HIS A 524 10.34 7.05 -10.84
C HIS A 524 11.82 6.80 -10.51
N ASN A 525 12.09 6.01 -9.47
CA ASN A 525 13.46 5.62 -9.09
C ASN A 525 14.34 6.79 -8.60
N LEU A 526 15.15 6.54 -7.56
CA LEU A 526 15.21 5.25 -6.89
C LEU A 526 14.49 5.27 -5.53
N ASP A 527 15.21 5.57 -4.45
CA ASP A 527 14.63 5.45 -3.11
C ASP A 527 14.41 6.71 -2.21
N GLY A 528 14.00 7.87 -2.73
CA GLY A 528 13.91 8.16 -4.15
C GLY A 528 14.46 9.52 -4.56
N TYR A 529 15.75 9.80 -4.29
CA TYR A 529 16.68 8.90 -3.61
C TYR A 529 16.69 9.25 -2.11
N THR A 530 17.73 8.79 -1.41
CA THR A 530 18.06 9.21 -0.03
C THR A 530 16.89 9.30 0.95
N HIS A 531 16.72 8.27 1.78
CA HIS A 531 15.59 8.18 2.71
C HIS A 531 14.27 8.45 2.00
N PRO A 532 13.49 7.42 1.63
CA PRO A 532 12.21 7.61 0.91
C PRO A 532 11.29 8.69 1.51
N GLU A 533 11.75 9.33 2.58
CA GLU A 533 11.12 10.51 3.18
C GLU A 533 10.86 11.64 2.19
N LYS A 534 11.81 11.87 1.29
CA LYS A 534 11.68 12.94 0.31
C LYS A 534 10.49 12.66 -0.62
N VAL A 535 10.26 11.38 -0.92
CA VAL A 535 9.10 10.99 -1.69
C VAL A 535 7.84 11.10 -0.84
N LEU A 536 7.98 10.79 0.45
CA LEU A 536 6.81 10.70 1.32
C LEU A 536 6.39 12.08 1.84
N LYS A 537 7.35 12.98 1.98
CA LYS A 537 7.13 14.29 2.60
C LYS A 537 5.89 15.02 2.04
N PRO A 538 5.79 15.21 0.71
CA PRO A 538 4.58 15.89 0.21
C PRO A 538 3.27 15.17 0.52
N HIS A 539 3.27 13.84 0.49
CA HIS A 539 2.07 13.06 0.81
C HIS A 539 1.70 13.19 2.29
N ILE A 540 2.71 13.24 3.15
CA ILE A 540 2.47 13.45 4.57
C ILE A 540 1.88 14.85 4.80
N ILE A 541 2.39 15.85 4.08
CA ILE A 541 1.85 17.21 4.18
C ILE A 541 0.37 17.20 3.76
N ASN A 542 0.08 16.51 2.66
CA ASN A 542 -1.26 16.57 2.07
C ASN A 542 -2.26 15.73 2.82
N LEU A 543 -1.78 14.67 3.46
CA LEU A 543 -2.67 13.81 4.21
C LEU A 543 -2.80 14.16 5.70
N LEU A 544 -1.76 14.76 6.28
CA LEU A 544 -1.69 14.85 7.74
C LEU A 544 -1.41 16.23 8.28
N VAL A 545 -1.12 17.20 7.40
CA VAL A 545 -0.91 18.57 7.85
C VAL A 545 -1.97 19.51 7.28
N ASP A 546 -2.05 19.60 5.96
CA ASP A 546 -2.94 20.56 5.33
C ASP A 546 -4.31 19.94 5.08
N SER A 547 -5.33 20.62 5.56
CA SER A 547 -6.69 20.19 5.24
C SER A 547 -7.09 20.65 3.84
N ILE A 548 -8.09 20.02 3.25
CA ILE A 548 -8.60 20.50 1.97
C ILE A 548 -9.43 21.76 2.16
N LYS A 549 -9.07 22.83 1.47
CA LYS A 549 -9.77 24.09 1.64
C LYS A 549 -11.15 23.95 0.99
N ILE A 550 -12.15 24.49 1.68
CA ILE A 550 -13.53 24.31 1.28
C ILE A 550 -14.08 25.61 0.74
#